data_8DGN
#
_entry.id   8DGN
#
_cell.length_a   92.131
_cell.length_b   92.131
_cell.length_c   137.439
_cell.angle_alpha   90.000
_cell.angle_beta   90.000
_cell.angle_gamma   120.000
#
_symmetry.space_group_name_H-M   'P 62 2 2'
#
loop_
_entity.id
_entity.type
_entity.pdbx_description
1 polymer '14-3-3 protein epsilon'
2 polymer 'Phosphorylated PEAK2 (pS826) peptide'
#
loop_
_entity_poly.entity_id
_entity_poly.type
_entity_poly.pdbx_seq_one_letter_code
_entity_poly.pdbx_strand_id
1 'polypeptide(L)'
;GSTMDDREDLVYQAKLAEQAERYDEMVESMKKVAGMDVELTVEERNLLSVAYKNVIGARRASWRIISSIEQKEENKGGED
KLKMIREYRQMVETELKLICCDILDVLDKHLIPAANTGESKVFYYKMKGDYHRYLAEFATGNDRKEAAENSLVAYKAASD
IAMTELPPTHPIRLGLALNFSVFYYEILNSPDRACRLAKAAFDDAIAELDTLSEESYKDSTLIMQLLRDNLTLWTSDMQG
DGEEQNKEALQDVEDENQ
;
A
2 'polypeptide(L)' PPPLPQKKIVSRAA(SEP)SPDGF B
#
# COMPACT_ATOMS: atom_id res chain seq x y z
N MET A 36 3.08 3.17 26.30
CA MET A 36 3.62 2.91 24.97
C MET A 36 2.55 3.13 23.90
N ASP A 37 1.52 3.89 24.26
CA ASP A 37 0.35 4.08 23.42
C ASP A 37 0.31 5.51 22.88
N VAL A 38 -0.17 5.65 21.65
CA VAL A 38 -0.36 6.96 21.03
C VAL A 38 -1.63 6.94 20.21
N GLU A 39 -2.44 7.97 20.33
CA GLU A 39 -3.65 8.16 19.54
C GLU A 39 -3.48 9.40 18.67
N LEU A 40 -3.77 9.26 17.39
CA LEU A 40 -3.66 10.36 16.44
C LEU A 40 -5.04 10.75 15.92
N THR A 41 -5.27 12.06 15.84
CA THR A 41 -6.44 12.53 15.11
C THR A 41 -6.31 12.16 13.64
N VAL A 42 -7.44 12.19 12.94
CA VAL A 42 -7.42 11.84 11.51
C VAL A 42 -6.47 12.76 10.76
N GLU A 43 -6.48 14.05 11.10
CA GLU A 43 -5.62 15.01 10.40
C GLU A 43 -4.14 14.72 10.64
N GLU A 44 -3.76 14.45 11.90
CA GLU A 44 -2.36 14.20 12.22
C GLU A 44 -1.83 12.98 11.48
N ARG A 45 -2.56 11.86 11.56
CA ARG A 45 -2.11 10.65 10.89
C ARG A 45 -2.13 10.80 9.38
N ASN A 46 -3.10 11.55 8.84
CA ASN A 46 -3.12 11.80 7.40
C ASN A 46 -1.87 12.58 6.97
N LEU A 47 -1.52 13.62 7.72
CA LEU A 47 -0.38 14.45 7.33
C LEU A 47 0.93 13.67 7.46
N LEU A 48 1.09 12.93 8.56
CA LEU A 48 2.27 12.09 8.72
C LEU A 48 2.36 11.05 7.61
N SER A 49 1.22 10.47 7.23
CA SER A 49 1.20 9.48 6.15
C SER A 49 1.64 10.10 4.84
N VAL A 50 1.12 11.30 4.52
CA VAL A 50 1.51 11.98 3.30
C VAL A 50 3.02 12.22 3.27
N ALA A 51 3.57 12.73 4.37
CA ALA A 51 5.00 13.00 4.41
C ALA A 51 5.83 11.73 4.20
N TYR A 52 5.53 10.69 4.99
CA TYR A 52 6.34 9.48 4.95
C TYR A 52 6.21 8.78 3.60
N LYS A 53 5.02 8.76 3.01
CA LYS A 53 4.87 8.09 1.73
C LYS A 53 5.41 8.91 0.58
N ASN A 54 5.47 10.25 0.71
CA ASN A 54 6.24 11.05 -0.23
C ASN A 54 7.70 10.62 -0.24
N VAL A 55 8.31 10.56 0.95
CA VAL A 55 9.71 10.12 1.05
C VAL A 55 9.87 8.73 0.44
N ILE A 56 9.00 7.79 0.85
CA ILE A 56 9.17 6.41 0.43
C ILE A 56 8.95 6.27 -1.07
N GLY A 57 8.06 7.08 -1.66
CA GLY A 57 7.86 7.00 -3.11
C GLY A 57 9.06 7.53 -3.87
N ALA A 58 9.66 8.61 -3.37
CA ALA A 58 10.93 9.06 -3.95
C ALA A 58 11.95 7.93 -3.97
N ARG A 59 12.14 7.27 -2.82
CA ARG A 59 13.14 6.19 -2.75
C ARG A 59 12.76 5.02 -3.66
N ARG A 60 11.48 4.67 -3.74
CA ARG A 60 11.05 3.55 -4.58
C ARG A 60 11.32 3.83 -6.05
N ALA A 61 10.96 5.03 -6.52
CA ALA A 61 11.21 5.37 -7.92
C ALA A 61 12.70 5.40 -8.21
N SER A 62 13.50 5.92 -7.29
CA SER A 62 14.95 5.90 -7.47
C SER A 62 15.46 4.47 -7.60
N TRP A 63 14.96 3.56 -6.75
CA TRP A 63 15.37 2.17 -6.81
C TRP A 63 15.01 1.54 -8.16
N ARG A 64 13.80 1.80 -8.64
CA ARG A 64 13.39 1.25 -9.94
C ARG A 64 14.30 1.75 -11.05
N ILE A 65 14.66 3.03 -11.02
CA ILE A 65 15.52 3.58 -12.07
C ILE A 65 16.92 2.98 -12.00
N ILE A 66 17.46 2.84 -10.79
CA ILE A 66 18.79 2.23 -10.65
C ILE A 66 18.76 0.78 -11.12
N SER A 67 17.67 0.07 -10.87
CA SER A 67 17.56 -1.31 -11.34
C SER A 67 17.52 -1.36 -12.86
N SER A 68 16.76 -0.44 -13.48
CA SER A 68 16.73 -0.38 -14.94
C SER A 68 18.10 -0.09 -15.52
N ILE A 69 18.88 0.78 -14.85
CA ILE A 69 20.24 1.06 -15.30
C ILE A 69 21.12 -0.18 -15.16
N GLU A 70 21.00 -0.89 -14.04
CA GLU A 70 21.79 -2.10 -13.82
C GLU A 70 21.51 -3.14 -14.89
N GLN A 71 20.24 -3.35 -15.22
CA GLN A 71 19.89 -4.39 -16.17
C GLN A 71 20.46 -4.09 -17.55
N LYS A 72 20.41 -2.83 -17.98
CA LYS A 72 20.91 -2.47 -19.30
C LYS A 72 22.43 -2.64 -19.38
N GLU A 73 23.14 -2.13 -18.37
CA GLU A 73 24.60 -2.27 -18.37
C GLU A 73 25.04 -3.73 -18.25
N GLU A 74 24.25 -4.56 -17.56
CA GLU A 74 24.59 -5.97 -17.46
C GLU A 74 24.47 -6.66 -18.82
N ASN A 75 23.42 -6.33 -19.57
CA ASN A 75 23.22 -6.90 -20.89
C ASN A 75 24.25 -6.38 -21.88
N GLU A 79 32.59 -3.29 -15.79
CA GLU A 79 33.51 -3.73 -14.75
C GLU A 79 33.46 -2.82 -13.53
N ASP A 80 33.82 -1.56 -13.73
CA ASP A 80 33.80 -0.57 -12.65
C ASP A 80 32.47 0.17 -12.57
N LYS A 81 31.81 0.42 -13.70
CA LYS A 81 30.53 1.11 -13.69
C LYS A 81 29.48 0.29 -12.96
N LEU A 82 29.21 -0.93 -13.46
CA LEU A 82 28.20 -1.80 -12.86
C LEU A 82 28.40 -1.91 -11.36
N LYS A 83 29.64 -2.14 -10.93
CA LYS A 83 29.98 -2.17 -9.51
C LYS A 83 29.39 -0.97 -8.79
N MET A 84 29.79 0.23 -9.20
CA MET A 84 29.24 1.45 -8.61
C MET A 84 27.73 1.45 -8.67
N ILE A 85 27.18 1.04 -9.82
CA ILE A 85 25.72 0.95 -9.96
C ILE A 85 25.14 0.09 -8.85
N ARG A 86 25.69 -1.13 -8.69
CA ARG A 86 25.25 -1.99 -7.61
C ARG A 86 25.43 -1.31 -6.26
N GLU A 87 26.58 -0.63 -6.09
CA GLU A 87 26.83 0.07 -4.83
C GLU A 87 25.76 1.12 -4.55
N TYR A 88 25.19 1.71 -5.60
CA TYR A 88 24.07 2.63 -5.38
C TYR A 88 22.79 1.87 -5.06
N ARG A 89 22.53 0.77 -5.79
CA ARG A 89 21.32 -0.02 -5.52
C ARG A 89 21.33 -0.54 -4.10
N GLN A 90 22.42 -1.17 -3.68
CA GLN A 90 22.57 -1.58 -2.29
C GLN A 90 22.43 -0.40 -1.35
N MET A 91 22.88 0.79 -1.80
CA MET A 91 22.71 1.98 -0.97
C MET A 91 21.25 2.38 -0.86
N VAL A 92 20.48 2.22 -1.93
CA VAL A 92 19.06 2.56 -1.89
C VAL A 92 18.31 1.57 -0.99
N GLU A 93 18.38 0.29 -1.34
CA GLU A 93 17.69 -0.79 -0.62
C GLU A 93 17.81 -0.65 0.89
N THR A 94 19.01 -0.31 1.38
CA THR A 94 19.22 -0.13 2.80
C THR A 94 18.32 0.97 3.35
N GLU A 95 18.47 2.19 2.84
CA GLU A 95 17.67 3.32 3.31
C GLU A 95 16.20 2.97 3.36
N LEU A 96 15.64 2.56 2.22
CA LEU A 96 14.27 2.07 2.14
C LEU A 96 13.93 1.19 3.32
N LYS A 97 14.68 0.09 3.48
CA LYS A 97 14.47 -0.82 4.60
C LYS A 97 14.44 -0.08 5.91
N LEU A 98 15.50 0.70 6.18
CA LEU A 98 15.60 1.44 7.43
C LEU A 98 14.36 2.26 7.70
N ILE A 99 13.76 2.83 6.65
CA ILE A 99 12.53 3.58 6.83
C ILE A 99 11.37 2.64 7.11
N CYS A 100 11.15 1.69 6.20
CA CYS A 100 9.97 0.82 6.31
C CYS A 100 9.96 0.10 7.64
N CYS A 101 11.04 -0.60 7.96
CA CYS A 101 11.17 -1.22 9.28
C CYS A 101 10.85 -0.22 10.38
N ASP A 102 11.51 0.93 10.36
CA ASP A 102 11.29 1.91 11.42
C ASP A 102 9.84 2.36 11.48
N ILE A 103 9.15 2.40 10.33
CA ILE A 103 7.75 2.81 10.38
C ILE A 103 6.91 1.68 10.96
N LEU A 104 7.22 0.43 10.58
CA LEU A 104 6.40 -0.69 11.03
C LEU A 104 6.49 -0.86 12.54
N ASP A 105 7.69 -0.72 13.09
CA ASP A 105 7.86 -0.69 14.55
C ASP A 105 6.88 0.30 15.18
N VAL A 106 6.87 1.53 14.67
CA VAL A 106 5.99 2.55 15.25
C VAL A 106 4.54 2.16 15.08
N LEU A 107 4.22 1.43 14.02
CA LEU A 107 2.85 0.92 13.87
C LEU A 107 2.55 -0.14 14.90
N ASP A 108 3.51 -1.04 15.16
CA ASP A 108 3.25 -2.17 16.04
C ASP A 108 3.40 -1.80 17.50
N LYS A 109 4.49 -1.12 17.85
CA LYS A 109 4.75 -0.82 19.25
C LYS A 109 3.92 0.34 19.78
N HIS A 110 3.16 1.03 18.95
CA HIS A 110 2.52 2.26 19.38
C HIS A 110 1.13 2.47 18.80
N LEU A 111 1.04 2.55 17.46
CA LEU A 111 -0.17 3.04 16.82
C LEU A 111 -1.28 2.00 16.77
N ILE A 112 -0.99 0.81 16.24
CA ILE A 112 -2.04 -0.21 16.06
C ILE A 112 -2.67 -0.61 17.40
N PRO A 113 -1.92 -0.87 18.48
CA PRO A 113 -2.59 -1.17 19.76
C PRO A 113 -3.55 -0.09 20.21
N ALA A 114 -3.23 1.18 19.99
CA ALA A 114 -4.04 2.30 20.48
C ALA A 114 -4.94 2.84 19.37
N ALA A 115 -5.88 2.01 18.94
CA ALA A 115 -6.81 2.35 17.87
C ALA A 115 -8.22 2.00 18.33
N ASN A 116 -9.00 3.03 18.68
CA ASN A 116 -10.40 2.80 19.09
C ASN A 116 -11.30 2.65 17.88
N THR A 117 -11.42 3.69 17.06
CA THR A 117 -12.35 3.68 15.94
C THR A 117 -11.94 2.63 14.92
N GLY A 118 -12.95 2.02 14.29
CA GLY A 118 -12.67 1.04 13.24
C GLY A 118 -12.03 1.67 12.01
N GLU A 119 -12.36 2.94 11.73
CA GLU A 119 -11.70 3.66 10.66
C GLU A 119 -10.19 3.67 10.85
N SER A 120 -9.72 4.09 12.02
CA SER A 120 -8.30 4.13 12.30
C SER A 120 -7.68 2.74 12.33
N LYS A 121 -8.43 1.74 12.80
CA LYS A 121 -7.92 0.37 12.78
C LYS A 121 -7.62 -0.08 11.35
N VAL A 122 -8.60 0.08 10.45
CA VAL A 122 -8.41 -0.28 9.05
C VAL A 122 -7.27 0.53 8.45
N PHE A 123 -7.20 1.82 8.80
CA PHE A 123 -6.14 2.68 8.29
C PHE A 123 -4.76 2.14 8.66
N TYR A 124 -4.54 1.83 9.94
CA TYR A 124 -3.22 1.41 10.39
C TYR A 124 -2.88 0.02 9.87
N TYR A 125 -3.87 -0.87 9.76
CA TYR A 125 -3.58 -2.19 9.19
C TYR A 125 -3.24 -2.08 7.71
N LYS A 126 -3.91 -1.19 6.98
CA LYS A 126 -3.56 -0.97 5.58
C LYS A 126 -2.15 -0.39 5.46
N MET A 127 -1.78 0.51 6.37
CA MET A 127 -0.42 1.05 6.36
C MET A 127 0.61 -0.05 6.58
N LYS A 128 0.34 -0.94 7.55
CA LYS A 128 1.23 -2.07 7.79
C LYS A 128 1.38 -2.92 6.53
N GLY A 129 0.25 -3.25 5.89
CA GLY A 129 0.30 -4.02 4.66
C GLY A 129 1.07 -3.31 3.56
N ASP A 130 0.87 -2.00 3.43
CA ASP A 130 1.54 -1.22 2.39
C ASP A 130 3.04 -1.23 2.58
N TYR A 131 3.50 -1.03 3.81
CA TYR A 131 4.94 -0.96 4.03
C TYR A 131 5.60 -2.35 3.94
N HIS A 132 4.89 -3.41 4.37
CA HIS A 132 5.40 -4.75 4.09
C HIS A 132 5.44 -5.03 2.60
N ARG A 133 4.48 -4.50 1.84
CA ARG A 133 4.51 -4.62 0.39
C ARG A 133 5.72 -3.93 -0.21
N TYR A 134 6.02 -2.72 0.27
CA TYR A 134 7.21 -2.02 -0.21
C TYR A 134 8.48 -2.77 0.15
N LEU A 135 8.51 -3.40 1.32
CA LEU A 135 9.64 -4.26 1.67
C LEU A 135 9.77 -5.43 0.71
N ALA A 136 8.64 -6.08 0.38
CA ALA A 136 8.68 -7.20 -0.54
C ALA A 136 9.01 -6.79 -1.97
N GLU A 137 8.78 -5.52 -2.33
CA GLU A 137 9.00 -5.08 -3.69
C GLU A 137 10.47 -5.22 -4.12
N PHE A 138 11.40 -5.18 -3.18
CA PHE A 138 12.82 -5.32 -3.51
C PHE A 138 13.54 -6.37 -2.67
N ALA A 139 12.84 -7.06 -1.78
CA ALA A 139 13.50 -8.08 -0.98
C ALA A 139 13.85 -9.29 -1.84
N THR A 140 15.01 -9.88 -1.56
CA THR A 140 15.47 -11.08 -2.25
C THR A 140 15.48 -12.25 -1.27
N GLY A 141 15.44 -13.46 -1.84
CA GLY A 141 15.44 -14.64 -1.01
C GLY A 141 14.16 -14.79 -0.20
N ASN A 142 14.27 -15.59 0.86
CA ASN A 142 13.12 -15.85 1.73
C ASN A 142 12.57 -14.58 2.36
N ASP A 143 13.39 -13.52 2.45
CA ASP A 143 12.88 -12.23 2.88
C ASP A 143 11.66 -11.81 2.06
N ARG A 144 11.79 -11.90 0.73
CA ARG A 144 10.65 -11.58 -0.14
C ARG A 144 9.45 -12.44 0.22
N LYS A 145 9.68 -13.69 0.63
CA LYS A 145 8.60 -14.50 1.18
C LYS A 145 8.06 -13.86 2.45
N GLU A 146 8.93 -13.71 3.45
CA GLU A 146 8.59 -13.14 4.75
C GLU A 146 7.69 -11.92 4.61
N ALA A 147 8.26 -10.82 4.11
CA ALA A 147 7.51 -9.59 3.89
C ALA A 147 6.14 -9.86 3.29
N ALA A 148 6.10 -10.62 2.20
CA ALA A 148 4.84 -10.89 1.51
C ALA A 148 3.78 -11.38 2.49
N GLU A 149 4.12 -12.43 3.25
CA GLU A 149 3.21 -12.95 4.27
C GLU A 149 2.75 -11.83 5.19
N ASN A 150 3.70 -11.11 5.81
CA ASN A 150 3.33 -10.07 6.75
C ASN A 150 2.48 -8.99 6.09
N SER A 151 2.62 -8.81 4.78
CA SER A 151 1.74 -7.88 4.09
C SER A 151 0.31 -8.43 4.06
N LEU A 152 0.14 -9.66 3.57
CA LEU A 152 -1.18 -10.22 3.40
C LEU A 152 -1.92 -10.29 4.75
N VAL A 153 -1.26 -10.84 5.77
CA VAL A 153 -1.85 -10.91 7.11
C VAL A 153 -2.33 -9.54 7.55
N ALA A 154 -1.59 -8.48 7.20
CA ALA A 154 -2.05 -7.14 7.51
C ALA A 154 -3.29 -6.78 6.70
N TYR A 155 -3.21 -6.93 5.38
CA TYR A 155 -4.31 -6.53 4.50
C TYR A 155 -5.60 -7.23 4.90
N LYS A 156 -5.58 -8.56 4.89
CA LYS A 156 -6.71 -9.35 5.37
C LYS A 156 -7.27 -8.78 6.67
N ALA A 157 -6.38 -8.51 7.63
CA ALA A 157 -6.80 -7.93 8.90
C ALA A 157 -7.71 -6.72 8.67
N ALA A 158 -7.18 -5.72 7.97
CA ALA A 158 -7.98 -4.52 7.68
C ALA A 158 -9.29 -4.89 7.01
N SER A 159 -9.24 -5.79 6.03
CA SER A 159 -10.45 -6.21 5.34
C SER A 159 -11.47 -6.74 6.33
N ASP A 160 -11.04 -7.63 7.23
CA ASP A 160 -11.97 -8.23 8.19
C ASP A 160 -12.63 -7.19 9.07
N ILE A 161 -12.03 -6.02 9.22
CA ILE A 161 -12.70 -4.92 9.91
C ILE A 161 -13.55 -4.12 8.95
N ALA A 162 -12.99 -3.77 7.79
CA ALA A 162 -13.67 -2.86 6.87
C ALA A 162 -15.03 -3.40 6.47
N MET A 163 -15.07 -4.63 5.96
CA MET A 163 -16.32 -5.22 5.50
C MET A 163 -17.38 -5.26 6.60
N THR A 164 -16.99 -5.12 7.86
CA THR A 164 -17.94 -5.11 8.97
C THR A 164 -17.97 -3.80 9.74
N GLU A 165 -17.21 -2.78 9.33
CA GLU A 165 -17.16 -1.52 10.05
C GLU A 165 -17.26 -0.28 9.18
N LEU A 166 -16.94 -0.37 7.89
CA LEU A 166 -16.97 0.79 7.02
C LEU A 166 -17.88 0.52 5.82
N PRO A 167 -18.65 1.52 5.40
CA PRO A 167 -19.48 1.37 4.20
C PRO A 167 -18.63 1.09 2.97
N PRO A 168 -19.18 0.46 1.94
CA PRO A 168 -18.39 0.28 0.69
C PRO A 168 -17.94 1.58 0.08
N THR A 169 -18.60 2.69 0.41
CA THR A 169 -18.24 4.01 -0.12
C THR A 169 -17.13 4.69 0.65
N HIS A 170 -16.69 4.11 1.77
CA HIS A 170 -15.73 4.79 2.63
C HIS A 170 -14.38 4.88 1.93
N PRO A 171 -13.74 6.06 1.91
CA PRO A 171 -12.44 6.18 1.25
C PRO A 171 -11.37 5.28 1.82
N ILE A 172 -11.39 5.05 3.15
CA ILE A 172 -10.41 4.15 3.76
C ILE A 172 -10.59 2.74 3.19
N ARG A 173 -11.83 2.27 3.14
CA ARG A 173 -12.10 0.92 2.63
C ARG A 173 -11.74 0.80 1.15
N LEU A 174 -12.04 1.84 0.36
CA LEU A 174 -11.73 1.79 -1.06
C LEU A 174 -10.23 1.80 -1.30
N GLY A 175 -9.49 2.65 -0.58
CA GLY A 175 -8.04 2.64 -0.68
C GLY A 175 -7.45 1.30 -0.23
N LEU A 176 -8.04 0.70 0.81
CA LEU A 176 -7.60 -0.61 1.26
C LEU A 176 -7.79 -1.65 0.15
N ALA A 177 -8.97 -1.67 -0.46
CA ALA A 177 -9.23 -2.63 -1.52
C ALA A 177 -8.31 -2.40 -2.71
N LEU A 178 -8.04 -1.14 -3.04
CA LEU A 178 -7.17 -0.83 -4.17
C LEU A 178 -5.75 -1.31 -3.92
N ASN A 179 -5.19 -0.96 -2.76
CA ASN A 179 -3.83 -1.39 -2.42
C ASN A 179 -3.75 -2.90 -2.26
N PHE A 180 -4.84 -3.53 -1.81
CA PHE A 180 -4.83 -4.97 -1.63
C PHE A 180 -4.84 -5.69 -2.97
N SER A 181 -5.65 -5.19 -3.92
CA SER A 181 -5.62 -5.74 -5.27
C SER A 181 -4.28 -5.50 -5.95
N VAL A 182 -3.65 -4.36 -5.67
CA VAL A 182 -2.30 -4.12 -6.17
C VAL A 182 -1.33 -5.13 -5.60
N PHE A 183 -1.41 -5.40 -4.30
CA PHE A 183 -0.63 -6.45 -3.67
C PHE A 183 -0.85 -7.79 -4.36
N TYR A 184 -2.10 -8.12 -4.66
CA TYR A 184 -2.40 -9.39 -5.33
C TYR A 184 -1.75 -9.45 -6.70
N TYR A 185 -1.93 -8.39 -7.50
CA TYR A 185 -1.47 -8.43 -8.89
C TYR A 185 0.05 -8.40 -8.98
N GLU A 186 0.70 -7.49 -8.27
CA GLU A 186 2.11 -7.25 -8.48
C GLU A 186 3.02 -8.14 -7.63
N ILE A 187 2.63 -8.41 -6.38
CA ILE A 187 3.47 -9.21 -5.49
C ILE A 187 3.16 -10.69 -5.67
N LEU A 188 1.99 -11.12 -5.20
CA LEU A 188 1.63 -12.53 -5.28
C LEU A 188 1.33 -12.99 -6.69
N ASN A 189 1.43 -12.12 -7.69
CA ASN A 189 1.35 -12.50 -9.10
C ASN A 189 0.03 -13.20 -9.43
N SER A 190 -1.06 -12.71 -8.82
CA SER A 190 -2.38 -13.30 -8.97
C SER A 190 -3.32 -12.25 -9.56
N PRO A 191 -3.31 -12.07 -10.89
CA PRO A 191 -4.26 -11.13 -11.50
C PRO A 191 -5.72 -11.52 -11.30
N ASP A 192 -5.99 -12.81 -11.09
CA ASP A 192 -7.37 -13.26 -10.90
C ASP A 192 -7.96 -12.73 -9.60
N ARG A 193 -7.29 -12.99 -8.47
CA ARG A 193 -7.78 -12.46 -7.19
C ARG A 193 -7.77 -10.93 -7.19
N ALA A 194 -6.78 -10.33 -7.84
CA ALA A 194 -6.70 -8.87 -7.89
C ALA A 194 -7.90 -8.27 -8.60
N CYS A 195 -8.22 -8.78 -9.80
CA CYS A 195 -9.36 -8.28 -10.54
C CYS A 195 -10.66 -8.58 -9.81
N ARG A 196 -10.75 -9.74 -9.15
CA ARG A 196 -11.95 -10.07 -8.38
C ARG A 196 -12.17 -9.05 -7.27
N LEU A 197 -11.14 -8.76 -6.48
CA LEU A 197 -11.25 -7.79 -5.39
C LEU A 197 -11.59 -6.40 -5.93
N ALA A 198 -10.92 -5.97 -7.00
CA ALA A 198 -11.17 -4.64 -7.54
C ALA A 198 -12.61 -4.51 -8.02
N LYS A 199 -13.09 -5.50 -8.78
CA LYS A 199 -14.46 -5.45 -9.28
C LYS A 199 -15.46 -5.47 -8.13
N ALA A 200 -15.24 -6.33 -7.13
CA ALA A 200 -16.16 -6.40 -6.00
C ALA A 200 -16.25 -5.06 -5.29
N ALA A 201 -15.10 -4.45 -4.98
CA ALA A 201 -15.09 -3.16 -4.30
C ALA A 201 -15.80 -2.10 -5.13
N PHE A 202 -15.50 -2.05 -6.44
CA PHE A 202 -16.08 -1.03 -7.29
C PHE A 202 -17.60 -1.19 -7.39
N ASP A 203 -18.09 -2.42 -7.52
CA ASP A 203 -19.53 -2.63 -7.64
C ASP A 203 -20.25 -2.32 -6.33
N ASP A 204 -19.70 -2.75 -5.19
CA ASP A 204 -20.34 -2.41 -3.92
C ASP A 204 -20.38 -0.90 -3.72
N ALA A 205 -19.30 -0.21 -4.07
CA ALA A 205 -19.30 1.25 -4.00
C ALA A 205 -20.39 1.84 -4.89
N ILE A 206 -20.34 1.54 -6.19
CA ILE A 206 -21.29 2.09 -7.15
C ILE A 206 -22.73 1.72 -6.79
N ALA A 207 -22.93 0.65 -6.02
CA ALA A 207 -24.27 0.33 -5.54
C ALA A 207 -24.67 1.28 -4.41
N GLU A 208 -23.85 1.38 -3.38
CA GLU A 208 -24.23 2.28 -2.29
C GLU A 208 -24.04 3.80 -2.66
N LEU A 209 -23.66 4.10 -3.91
CA LEU A 209 -23.36 5.49 -4.28
C LEU A 209 -24.62 6.36 -4.26
N ASP A 210 -25.76 5.83 -4.69
CA ASP A 210 -26.96 6.65 -4.80
C ASP A 210 -27.38 7.23 -3.46
N THR A 211 -27.18 6.48 -2.38
CA THR A 211 -27.48 6.97 -1.03
C THR A 211 -26.17 7.45 -0.40
N LEU A 212 -25.71 8.62 -0.85
CA LEU A 212 -24.44 9.16 -0.38
C LEU A 212 -24.43 10.66 -0.64
N SER A 213 -24.09 11.44 0.38
CA SER A 213 -24.00 12.89 0.22
C SER A 213 -22.85 13.26 -0.70
N GLU A 214 -23.05 14.32 -1.49
CA GLU A 214 -22.04 14.73 -2.46
C GLU A 214 -20.72 15.08 -1.79
N GLU A 215 -20.78 15.95 -0.76
CA GLU A 215 -19.66 16.35 0.09
C GLU A 215 -19.04 15.20 0.87
N SER A 216 -19.61 14.00 0.77
CA SER A 216 -18.99 12.80 1.32
C SER A 216 -18.80 11.72 0.26
N TYR A 217 -19.01 12.06 -1.02
CA TYR A 217 -18.79 11.14 -2.14
C TYR A 217 -17.69 11.63 -3.08
N LYS A 218 -17.42 12.93 -3.11
CA LYS A 218 -16.32 13.46 -3.91
C LYS A 218 -14.98 12.83 -3.52
N ASP A 219 -14.85 12.38 -2.27
CA ASP A 219 -13.64 11.69 -1.86
C ASP A 219 -13.56 10.31 -2.51
N SER A 220 -14.63 9.53 -2.41
CA SER A 220 -14.62 8.18 -2.95
C SER A 220 -14.46 8.16 -4.46
N THR A 221 -14.85 9.26 -5.13
CA THR A 221 -14.76 9.32 -6.59
C THR A 221 -13.38 8.91 -7.11
N LEU A 222 -12.32 9.48 -6.52
CA LEU A 222 -10.99 9.32 -7.10
C LEU A 222 -10.46 7.90 -6.93
N ILE A 223 -10.65 7.31 -5.75
CA ILE A 223 -10.19 5.94 -5.54
C ILE A 223 -11.02 4.97 -6.37
N MET A 224 -12.33 5.22 -6.51
CA MET A 224 -13.15 4.37 -7.36
C MET A 224 -12.66 4.43 -8.81
N GLN A 225 -12.33 5.62 -9.30
CA GLN A 225 -11.87 5.74 -10.68
C GLN A 225 -10.51 5.07 -10.84
N LEU A 226 -9.64 5.16 -9.83
CA LEU A 226 -8.36 4.45 -9.88
C LEU A 226 -8.56 2.95 -9.96
N LEU A 227 -9.48 2.42 -9.14
CA LEU A 227 -9.78 0.98 -9.19
C LEU A 227 -10.29 0.59 -10.58
N ARG A 228 -11.15 1.43 -11.16
CA ARG A 228 -11.67 1.15 -12.50
C ARG A 228 -10.56 1.14 -13.54
N ASP A 229 -9.65 2.11 -13.48
CA ASP A 229 -8.52 2.14 -14.41
C ASP A 229 -7.65 0.90 -14.26
N ASN A 230 -7.35 0.54 -13.01
CA ASN A 230 -6.55 -0.65 -12.75
C ASN A 230 -7.22 -1.90 -13.33
N LEU A 231 -8.54 -1.98 -13.21
CA LEU A 231 -9.26 -3.11 -13.79
C LEU A 231 -9.14 -3.11 -15.30
N THR A 232 -9.44 -1.98 -15.95
CA THR A 232 -9.36 -1.92 -17.41
C THR A 232 -7.97 -2.27 -17.90
N LEU A 233 -6.93 -1.92 -17.14
CA LEU A 233 -5.57 -2.27 -17.55
C LEU A 233 -5.32 -3.77 -17.40
N TRP A 234 -5.57 -4.30 -16.20
CA TRP A 234 -5.32 -5.72 -15.93
C TRP A 234 -6.10 -6.62 -16.88
N THR A 235 -7.33 -6.24 -17.19
CA THR A 235 -8.13 -7.00 -18.15
C THR A 235 -7.70 -6.67 -19.58
N ARG B 12 3.81 -0.02 -12.19
CA ARG B 12 3.13 -0.66 -13.32
C ARG B 12 1.63 -0.79 -13.07
N ALA B 13 1.21 -0.44 -11.86
CA ALA B 13 -0.19 -0.48 -11.48
C ALA B 13 -0.41 0.49 -10.33
N ALA B 14 -1.52 1.24 -10.39
CA ALA B 14 -1.74 2.35 -9.47
C ALA B 14 -2.26 1.92 -8.09
N SER B 16 -3.17 3.47 -3.93
CA SER B 16 -3.96 4.57 -3.40
C SER B 16 -3.13 5.83 -3.15
N PRO B 17 -3.69 6.99 -3.46
CA PRO B 17 -2.94 8.24 -3.27
C PRO B 17 -2.75 8.56 -1.80
N ASP B 18 -1.55 9.00 -1.46
CA ASP B 18 -1.21 9.28 -0.07
C ASP B 18 -0.26 10.48 0.03
#